data_8QV4
#
_entry.id   8QV4
#
_cell.length_a   90.399
_cell.length_b   90.399
_cell.length_c   56.654
_cell.angle_alpha   90.00
_cell.angle_beta   90.00
_cell.angle_gamma   120.00
#
_symmetry.space_group_name_H-M   'P 6'
#
loop_
_entity.id
_entity.type
_entity.pdbx_description
1 polymer 'Spacer peptide 1'
2 non-polymer 1,2-ETHANEDIOL
3 non-polymer 'ethyl 2-(3-oxidanylidene-2,4-dihydroquinoxalin-1-yl)ethanoate'
4 water water
#
_entity_poly.entity_id   1
_entity_poly.type   'polypeptide(L)'
_entity_poly.pdbx_seq_one_letter_code
;PIVQNLQGQMVHQCISPRTLNAWVKVVEEKAFSPEVIPMFSALSCGATPQDLNTMLNTVGGHQAAMQMLKETINEEAAEW
DRLHPVHAGPIAPGQMREPRGSDIAGTTSTLQEQIGWMTHNPPIPVGEIYKRWIILGLNKIVRMYSPTSILDIRQGPKEP
FRDYVDRFYKTLRAEQASQEVKNAATETLLVQNANPDCKTILKALGPGATLEEMMTACQGVGGPGHKARVL
;
_entity_poly.pdbx_strand_id   A
#
# COMPACT_ATOMS: atom_id res chain seq x y z
N PRO A 1 -8.79 1.55 17.33
CA PRO A 1 -7.39 2.07 17.24
C PRO A 1 -6.92 2.52 18.62
N ILE A 2 -5.84 3.29 18.68
CA ILE A 2 -5.46 4.15 19.84
C ILE A 2 -5.63 5.63 19.43
N VAL A 3 -6.38 6.40 20.23
CA VAL A 3 -6.76 7.82 19.98
C VAL A 3 -6.55 8.64 21.26
N GLN A 4 -6.88 9.94 21.24
CA GLN A 4 -6.69 10.92 22.36
C GLN A 4 -8.01 11.34 22.98
N ASN A 5 -8.00 11.66 24.27
CA ASN A 5 -9.07 12.40 25.02
C ASN A 5 -9.01 13.90 24.70
N GLN A 9 -5.05 12.23 27.25
CA GLN A 9 -4.30 10.93 27.29
C GLN A 9 -4.58 10.14 26.00
N MET A 10 -3.85 9.05 25.82
CA MET A 10 -3.98 8.15 24.63
C MET A 10 -4.62 6.84 25.09
N VAL A 11 -5.75 6.51 24.44
CA VAL A 11 -6.79 5.55 24.90
C VAL A 11 -7.15 4.63 23.74
N HIS A 12 -7.42 3.36 24.04
CA HIS A 12 -7.90 2.37 23.03
C HIS A 12 -9.37 2.62 22.72
N GLN A 13 -9.72 2.69 21.43
CA GLN A 13 -11.10 2.86 20.90
C GLN A 13 -11.46 1.65 20.02
N CYS A 14 -12.72 1.21 20.09
CA CYS A 14 -13.28 0.07 19.29
C CYS A 14 -13.30 0.47 17.81
N ILE A 15 -12.80 -0.39 16.94
CA ILE A 15 -12.85 -0.15 15.47
C ILE A 15 -14.34 -0.01 15.12
N SER A 16 -14.70 1.07 14.42
CA SER A 16 -16.10 1.50 14.20
C SER A 16 -16.72 0.60 13.14
N PRO A 17 -18.01 0.19 13.30
CA PRO A 17 -18.72 -0.48 12.22
C PRO A 17 -18.52 0.28 10.89
N ARG A 18 -18.49 1.61 10.93
CA ARG A 18 -18.29 2.44 9.71
C ARG A 18 -17.03 1.96 9.01
N THR A 19 -15.94 1.79 9.78
CA THR A 19 -14.57 1.48 9.30
C THR A 19 -14.48 0.01 8.87
N LEU A 20 -14.99 -0.92 9.67
CA LEU A 20 -15.03 -2.36 9.33
C LEU A 20 -15.66 -2.49 7.93
N ASN A 21 -16.81 -1.85 7.75
CA ASN A 21 -17.62 -1.89 6.49
C ASN A 21 -16.84 -1.33 5.29
N ALA A 22 -16.25 -0.14 5.47
CA ALA A 22 -15.60 0.70 4.42
C ALA A 22 -14.42 -0.05 3.79
N TRP A 23 -13.67 -0.80 4.60
CA TRP A 23 -12.53 -1.63 4.13
C TRP A 23 -13.05 -2.82 3.33
N VAL A 24 -14.11 -3.46 3.82
CA VAL A 24 -14.66 -4.69 3.21
C VAL A 24 -15.30 -4.32 1.88
N LYS A 25 -16.00 -3.19 1.81
CA LYS A 25 -16.62 -2.70 0.56
C LYS A 25 -15.50 -2.33 -0.40
N VAL A 26 -14.46 -1.65 0.07
CA VAL A 26 -13.39 -1.18 -0.84
C VAL A 26 -12.68 -2.39 -1.44
N VAL A 27 -12.46 -3.48 -0.70
CA VAL A 27 -11.87 -4.74 -1.30
C VAL A 27 -12.88 -5.38 -2.26
N GLU A 28 -14.18 -5.35 -1.95
CA GLU A 28 -15.22 -5.96 -2.81
C GLU A 28 -15.23 -5.26 -4.17
N GLU A 29 -15.12 -3.92 -4.16
CA GLU A 29 -15.31 -3.07 -5.36
C GLU A 29 -14.01 -2.99 -6.15
N LYS A 30 -12.88 -2.64 -5.52
CA LYS A 30 -11.63 -2.30 -6.25
C LYS A 30 -10.62 -3.47 -6.23
N ALA A 31 -10.91 -4.59 -5.57
CA ALA A 31 -9.96 -5.74 -5.43
C ALA A 31 -8.57 -5.23 -5.00
N PHE A 32 -7.53 -5.37 -5.82
CA PHE A 32 -6.15 -4.90 -5.51
C PHE A 32 -5.69 -3.85 -6.52
N SER A 33 -6.61 -2.93 -6.86
CA SER A 33 -6.29 -1.71 -7.63
C SER A 33 -5.36 -0.87 -6.76
N PRO A 34 -4.30 -0.25 -7.33
CA PRO A 34 -3.32 0.47 -6.52
C PRO A 34 -3.92 1.36 -5.42
N GLU A 35 -5.05 2.00 -5.70
CA GLU A 35 -5.60 3.11 -4.86
C GLU A 35 -6.18 2.53 -3.56
N VAL A 36 -6.23 1.21 -3.44
CA VAL A 36 -6.73 0.48 -2.22
C VAL A 36 -5.68 0.62 -1.11
N ILE A 37 -4.41 0.78 -1.45
CA ILE A 37 -3.30 0.88 -0.46
C ILE A 37 -3.43 2.18 0.33
N PRO A 38 -3.36 3.38 -0.28
CA PRO A 38 -3.50 4.62 0.48
C PRO A 38 -4.79 4.65 1.32
N MET A 39 -5.82 3.91 0.89
CA MET A 39 -7.16 3.85 1.54
C MET A 39 -7.11 2.87 2.73
N PHE A 40 -6.42 1.73 2.56
CA PHE A 40 -6.16 0.79 3.67
C PHE A 40 -5.49 1.56 4.82
N SER A 41 -4.34 2.15 4.53
CA SER A 41 -3.58 3.06 5.44
C SER A 41 -4.53 4.03 6.16
N ALA A 42 -5.47 4.64 5.45
CA ALA A 42 -6.33 5.74 5.97
C ALA A 42 -7.38 5.15 6.96
N LEU A 43 -7.94 4.01 6.57
CA LEU A 43 -8.95 3.29 7.41
C LEU A 43 -8.28 2.67 8.64
N SER A 44 -6.96 2.47 8.62
CA SER A 44 -6.21 1.89 9.75
C SER A 44 -5.43 2.96 10.51
N CYS A 45 -5.94 4.19 10.56
CA CYS A 45 -5.28 5.29 11.31
C CYS A 45 -5.39 5.01 12.81
N GLY A 46 -4.26 4.91 13.52
CA GLY A 46 -4.18 4.69 14.98
C GLY A 46 -4.46 3.24 15.36
N ALA A 47 -4.43 2.36 14.37
CA ALA A 47 -4.80 0.93 14.50
C ALA A 47 -3.72 0.16 15.27
N THR A 48 -4.17 -0.72 16.15
CA THR A 48 -3.36 -1.73 16.87
C THR A 48 -3.07 -2.87 15.89
N PRO A 49 -2.09 -3.76 16.17
CA PRO A 49 -1.98 -4.98 15.36
C PRO A 49 -3.29 -5.80 15.30
N GLN A 50 -4.09 -5.81 16.36
CA GLN A 50 -5.38 -6.55 16.44
C GLN A 50 -6.36 -5.90 15.46
N ASP A 51 -6.45 -4.57 15.45
CA ASP A 51 -7.24 -3.82 14.44
C ASP A 51 -6.79 -4.24 13.03
N LEU A 52 -5.49 -4.29 12.74
CA LEU A 52 -4.96 -4.59 11.37
C LEU A 52 -5.30 -6.03 10.98
N ASN A 53 -5.17 -7.01 11.89
CA ASN A 53 -5.56 -8.42 11.67
C ASN A 53 -7.07 -8.46 11.39
N THR A 54 -7.85 -7.79 12.23
CA THR A 54 -9.32 -7.64 12.11
C THR A 54 -9.68 -7.18 10.69
N MET A 55 -9.06 -6.12 10.17
CA MET A 55 -9.40 -5.62 8.81
C MET A 55 -8.99 -6.68 7.79
N LEU A 56 -7.78 -7.24 7.92
CA LEU A 56 -7.25 -8.31 7.04
C LEU A 56 -8.19 -9.52 7.07
N ASN A 57 -8.64 -9.90 8.27
CA ASN A 57 -9.36 -11.18 8.54
C ASN A 57 -10.83 -11.07 8.10
N THR A 58 -11.33 -9.85 7.86
CA THR A 58 -12.74 -9.62 7.49
C THR A 58 -12.93 -9.81 5.99
N VAL A 59 -11.85 -9.95 5.24
CA VAL A 59 -11.88 -10.17 3.76
C VAL A 59 -12.15 -11.66 3.48
N GLY A 60 -13.35 -11.98 2.98
CA GLY A 60 -13.80 -13.32 2.61
C GLY A 60 -13.07 -13.85 1.38
N GLY A 61 -12.82 -12.99 0.38
CA GLY A 61 -12.20 -13.40 -0.89
C GLY A 61 -10.70 -13.24 -0.85
N HIS A 62 -10.05 -13.41 -2.00
CA HIS A 62 -8.62 -13.09 -2.25
C HIS A 62 -7.72 -13.90 -1.32
N GLN A 63 -8.04 -15.16 -1.04
CA GLN A 63 -7.31 -15.95 -0.02
C GLN A 63 -5.91 -16.29 -0.53
N ALA A 64 -5.67 -16.27 -1.82
CA ALA A 64 -4.33 -16.44 -2.41
C ALA A 64 -3.49 -15.20 -2.08
N ALA A 65 -4.07 -14.02 -2.23
CA ALA A 65 -3.42 -12.73 -1.92
C ALA A 65 -3.09 -12.70 -0.44
N MET A 66 -4.07 -13.10 0.40
CA MET A 66 -3.93 -13.13 1.89
C MET A 66 -2.78 -14.05 2.30
N GLN A 67 -2.59 -15.13 1.58
CA GLN A 67 -1.58 -16.17 1.88
C GLN A 67 -0.20 -15.62 1.50
N MET A 68 -0.06 -15.03 0.31
CA MET A 68 1.20 -14.36 -0.08
C MET A 68 1.52 -13.34 1.02
N LEU A 69 0.49 -12.75 1.62
CA LEU A 69 0.66 -11.69 2.65
C LEU A 69 1.22 -12.28 3.96
N LYS A 70 0.65 -13.36 4.47
CA LYS A 70 1.27 -14.13 5.59
C LYS A 70 2.75 -14.36 5.31
N GLU A 71 3.11 -14.62 4.05
CA GLU A 71 4.52 -14.96 3.67
C GLU A 71 5.38 -13.70 3.90
N THR A 72 4.93 -12.57 3.33
CA THR A 72 5.66 -11.29 3.42
C THR A 72 5.85 -10.95 4.89
N ILE A 73 4.83 -11.24 5.70
CA ILE A 73 4.81 -10.87 7.15
C ILE A 73 5.74 -11.81 7.93
N ASN A 74 5.78 -13.11 7.62
CA ASN A 74 6.74 -14.05 8.24
C ASN A 74 8.18 -13.54 8.00
N GLU A 75 8.52 -13.24 6.75
CA GLU A 75 9.82 -12.65 6.34
C GLU A 75 10.08 -11.37 7.14
N GLU A 76 9.12 -10.46 7.26
CA GLU A 76 9.32 -9.16 7.96
C GLU A 76 9.50 -9.41 9.46
N ALA A 77 8.71 -10.33 10.02
CA ALA A 77 8.81 -10.79 11.43
C ALA A 77 10.17 -11.43 11.67
N ALA A 78 10.64 -12.23 10.71
CA ALA A 78 11.96 -12.90 10.78
C ALA A 78 13.04 -11.82 10.81
N GLU A 79 13.04 -10.90 9.85
CA GLU A 79 14.08 -9.85 9.79
C GLU A 79 14.06 -9.10 11.12
N TRP A 80 12.88 -8.70 11.62
CA TRP A 80 12.73 -8.01 12.93
C TRP A 80 13.50 -8.76 14.03
N ASP A 81 13.31 -10.07 14.12
CA ASP A 81 13.93 -10.91 15.18
C ASP A 81 15.44 -10.98 14.95
N ARG A 82 15.89 -10.87 13.69
CA ARG A 82 17.33 -10.92 13.34
C ARG A 82 18.02 -9.66 13.86
N LEU A 83 17.32 -8.52 13.87
CA LEU A 83 17.87 -7.19 14.23
C LEU A 83 17.56 -6.83 15.70
N HIS A 84 16.45 -7.29 16.25
CA HIS A 84 16.03 -6.98 17.64
C HIS A 84 15.72 -8.27 18.43
N PRO A 85 16.72 -9.14 18.69
CA PRO A 85 16.47 -10.33 19.52
C PRO A 85 16.01 -9.94 20.93
N VAL A 86 15.12 -10.75 21.50
CA VAL A 86 14.45 -10.48 22.81
C VAL A 86 15.01 -11.41 23.88
N HIS A 87 15.23 -10.89 25.10
CA HIS A 87 15.70 -11.65 26.28
C HIS A 87 14.74 -12.80 26.58
N ALA A 88 15.26 -14.02 26.74
CA ALA A 88 14.46 -15.23 27.07
C ALA A 88 14.40 -15.38 28.59
N GLY A 89 13.37 -16.07 29.07
CA GLY A 89 13.14 -16.31 30.51
C GLY A 89 12.12 -15.34 31.08
N PRO A 90 11.88 -15.36 32.41
CA PRO A 90 10.78 -14.60 33.00
C PRO A 90 10.93 -13.07 32.88
N ILE A 91 9.84 -12.41 32.49
CA ILE A 91 9.77 -10.92 32.43
C ILE A 91 9.76 -10.39 33.86
N ALA A 92 10.43 -9.27 34.12
CA ALA A 92 10.44 -8.60 35.45
C ALA A 92 8.99 -8.34 35.83
N PRO A 93 8.50 -8.80 37.01
CA PRO A 93 7.10 -8.59 37.41
C PRO A 93 6.60 -7.15 37.17
N GLY A 94 5.42 -7.03 36.55
CA GLY A 94 4.72 -5.76 36.34
C GLY A 94 5.41 -4.86 35.33
N GLN A 95 6.33 -5.41 34.53
CA GLN A 95 7.12 -4.63 33.56
C GLN A 95 6.84 -5.10 32.13
N MET A 96 7.00 -4.15 31.21
CA MET A 96 6.90 -4.27 29.73
C MET A 96 8.01 -5.18 29.18
N ARG A 97 7.63 -6.30 28.57
CA ARG A 97 8.53 -7.21 27.81
C ARG A 97 8.68 -6.65 26.39
N GLU A 98 9.85 -6.82 25.77
CA GLU A 98 10.13 -6.35 24.38
C GLU A 98 9.26 -7.12 23.39
N PRO A 99 8.82 -6.48 22.27
CA PRO A 99 8.08 -7.18 21.22
C PRO A 99 8.99 -7.89 20.20
N ARG A 100 8.64 -9.14 19.84
CA ARG A 100 9.27 -9.92 18.75
C ARG A 100 8.42 -9.73 17.48
N GLY A 101 8.80 -10.35 16.36
CA GLY A 101 8.13 -10.14 15.07
C GLY A 101 6.65 -10.49 15.13
N SER A 102 6.32 -11.59 15.80
CA SER A 102 4.98 -12.20 15.87
C SER A 102 4.13 -11.43 16.88
N ASP A 103 4.80 -10.67 17.76
CA ASP A 103 4.15 -9.72 18.71
C ASP A 103 3.71 -8.51 17.88
N ILE A 104 4.57 -8.01 16.98
CA ILE A 104 4.22 -6.85 16.10
C ILE A 104 3.10 -7.22 15.12
N ALA A 105 3.11 -8.47 14.62
CA ALA A 105 2.09 -9.01 13.67
C ALA A 105 0.78 -9.27 14.42
N GLY A 106 0.81 -9.39 15.73
CA GLY A 106 -0.39 -9.56 16.57
C GLY A 106 -0.82 -11.01 16.77
N THR A 107 -0.01 -11.99 16.37
CA THR A 107 -0.31 -13.44 16.51
C THR A 107 0.08 -13.98 17.90
N THR A 108 0.95 -13.27 18.65
CA THR A 108 1.54 -13.73 19.93
C THR A 108 1.37 -12.66 21.03
N SER A 109 1.08 -11.41 20.67
CA SER A 109 0.86 -10.28 21.62
C SER A 109 -0.62 -10.31 22.04
N THR A 110 -0.99 -9.61 23.10
CA THR A 110 -2.41 -9.33 23.52
C THR A 110 -2.71 -7.83 23.31
N LEU A 111 -4.00 -7.47 23.29
CA LEU A 111 -4.42 -6.06 23.08
C LEU A 111 -3.76 -5.19 24.14
N GLN A 112 -3.76 -5.66 25.40
CA GLN A 112 -3.11 -5.00 26.56
C GLN A 112 -1.63 -4.77 26.23
N GLU A 113 -0.96 -5.84 25.81
CA GLU A 113 0.48 -5.81 25.52
C GLU A 113 0.69 -4.74 24.44
N GLN A 114 -0.01 -4.90 23.32
CA GLN A 114 -0.04 -3.95 22.17
C GLN A 114 -0.39 -2.52 22.65
N ILE A 115 -1.42 -2.37 23.49
CA ILE A 115 -1.77 -1.04 24.06
C ILE A 115 -0.52 -0.46 24.74
N GLY A 116 0.15 -1.27 25.57
CA GLY A 116 1.21 -0.83 26.48
C GLY A 116 2.38 -0.28 25.67
N TRP A 117 2.73 -0.99 24.61
CA TRP A 117 3.83 -0.65 23.67
C TRP A 117 3.55 0.69 23.01
N MET A 118 2.35 0.87 22.47
CA MET A 118 2.01 2.09 21.67
C MET A 118 1.76 3.28 22.59
N THR A 119 1.35 3.09 23.84
CA THR A 119 0.96 4.23 24.73
C THR A 119 2.12 4.63 25.64
N HIS A 120 3.25 3.92 25.58
CA HIS A 120 4.46 4.10 26.42
C HIS A 120 5.16 5.43 26.05
N ASN A 121 5.98 5.99 26.93
CA ASN A 121 6.78 7.20 26.60
C ASN A 121 8.26 6.85 26.59
N PRO A 122 8.99 6.94 25.45
CA PRO A 122 8.40 7.19 24.13
C PRO A 122 7.74 5.91 23.63
N PRO A 123 6.74 5.96 22.70
CA PRO A 123 6.03 4.77 22.21
C PRO A 123 6.87 3.75 21.42
N ILE A 124 6.62 2.43 21.62
CA ILE A 124 7.14 1.29 20.80
C ILE A 124 6.09 1.01 19.72
N PRO A 125 6.22 1.60 18.51
CA PRO A 125 5.06 1.84 17.65
C PRO A 125 4.70 0.63 16.75
N VAL A 126 4.12 -0.39 17.39
CA VAL A 126 3.86 -1.72 16.75
C VAL A 126 2.70 -1.59 15.74
N GLY A 127 1.76 -0.67 15.95
CA GLY A 127 0.72 -0.41 14.94
C GLY A 127 1.34 0.01 13.62
N GLU A 128 2.15 1.09 13.64
CA GLU A 128 2.81 1.69 12.46
C GLU A 128 3.87 0.75 11.87
N ILE A 129 4.51 -0.13 12.66
CA ILE A 129 5.57 -1.07 12.18
C ILE A 129 4.91 -2.20 11.36
N TYR A 130 3.87 -2.84 11.92
CA TYR A 130 3.14 -3.94 11.26
C TYR A 130 2.49 -3.41 9.97
N LYS A 131 1.88 -2.22 9.98
CA LYS A 131 1.27 -1.55 8.79
C LYS A 131 2.34 -1.21 7.71
N ARG A 132 3.59 -0.97 8.10
CA ARG A 132 4.72 -0.93 7.14
C ARG A 132 4.83 -2.32 6.49
N TRP A 133 4.82 -3.38 7.30
CA TRP A 133 4.96 -4.78 6.83
C TRP A 133 3.82 -5.09 5.88
N ILE A 134 2.57 -4.92 6.35
CA ILE A 134 1.35 -5.28 5.60
C ILE A 134 1.37 -4.53 4.26
N ILE A 135 1.63 -3.22 4.25
CA ILE A 135 1.58 -2.38 3.02
C ILE A 135 2.69 -2.80 2.04
N LEU A 136 3.90 -3.10 2.51
CA LEU A 136 4.99 -3.56 1.60
C LEU A 136 4.53 -4.85 0.93
N GLY A 137 3.81 -5.72 1.66
CA GLY A 137 3.23 -6.97 1.16
C GLY A 137 2.10 -6.72 0.19
N LEU A 138 1.27 -5.71 0.46
CA LEU A 138 0.04 -5.36 -0.31
C LEU A 138 0.44 -4.81 -1.68
N ASN A 139 1.62 -4.19 -1.81
CA ASN A 139 2.16 -3.62 -3.08
C ASN A 139 2.67 -4.76 -3.95
N LYS A 140 3.39 -5.73 -3.37
CA LYS A 140 3.83 -6.94 -4.11
C LYS A 140 2.61 -7.57 -4.82
N ILE A 141 1.43 -7.57 -4.17
CA ILE A 141 0.17 -8.16 -4.68
C ILE A 141 -0.39 -7.31 -5.83
N VAL A 142 -0.17 -5.99 -5.78
CA VAL A 142 -0.67 -5.00 -6.77
C VAL A 142 0.07 -5.21 -8.10
N ARG A 143 1.40 -5.31 -8.07
CA ARG A 143 2.29 -5.54 -9.25
C ARG A 143 1.94 -6.90 -9.85
N MET A 144 1.83 -7.91 -8.99
CA MET A 144 1.35 -9.27 -9.32
C MET A 144 0.08 -9.18 -10.18
N TYR A 145 -0.95 -8.53 -9.64
CA TYR A 145 -2.35 -8.49 -10.16
C TYR A 145 -2.47 -7.34 -11.15
N SER A 146 -1.37 -6.67 -11.43
CA SER A 146 -1.22 -5.77 -12.60
C SER A 146 -1.39 -6.60 -13.88
N PRO A 147 -2.53 -6.47 -14.60
CA PRO A 147 -2.84 -7.36 -15.72
C PRO A 147 -1.92 -7.14 -16.92
N THR A 148 -1.50 -5.89 -17.09
CA THR A 148 -1.04 -5.33 -18.39
C THR A 148 0.28 -4.58 -18.22
N SER A 149 1.18 -4.80 -19.18
CA SER A 149 2.50 -4.14 -19.32
C SER A 149 2.35 -2.73 -19.92
N ILE A 150 3.25 -1.83 -19.57
CA ILE A 150 3.25 -0.44 -20.10
C ILE A 150 3.56 -0.47 -21.60
N LEU A 151 4.09 -1.60 -22.11
CA LEU A 151 4.47 -1.78 -23.54
C LEU A 151 3.23 -2.04 -24.37
N ASP A 152 2.22 -2.69 -23.76
CA ASP A 152 0.91 -2.98 -24.39
C ASP A 152 -0.07 -1.82 -24.16
N ILE A 153 0.29 -0.77 -23.41
CA ILE A 153 -0.55 0.47 -23.35
C ILE A 153 -0.14 1.37 -24.50
N ARG A 154 -0.92 1.33 -25.57
CA ARG A 154 -0.73 2.13 -26.81
C ARG A 154 -2.08 2.78 -27.13
N GLN A 155 -2.03 3.96 -27.76
CA GLN A 155 -3.21 4.79 -28.11
C GLN A 155 -3.89 4.25 -29.36
N GLY A 156 -5.20 3.98 -29.28
CA GLY A 156 -6.01 3.63 -30.45
C GLY A 156 -5.98 4.77 -31.47
N PRO A 157 -6.21 4.48 -32.76
CA PRO A 157 -6.25 5.52 -33.79
C PRO A 157 -7.29 6.62 -33.49
N LYS A 158 -8.41 6.25 -32.89
CA LYS A 158 -9.58 7.15 -32.71
C LYS A 158 -9.72 7.53 -31.22
N GLU A 159 -8.77 7.11 -30.37
CA GLU A 159 -8.85 7.29 -28.90
C GLU A 159 -8.29 8.65 -28.48
N PRO A 160 -9.07 9.44 -27.74
CA PRO A 160 -8.61 10.73 -27.25
C PRO A 160 -7.36 10.56 -26.39
N PHE A 161 -6.36 11.39 -26.64
CA PHE A 161 -5.03 11.33 -25.98
C PHE A 161 -5.23 11.23 -24.47
N ARG A 162 -6.18 11.99 -23.93
CA ARG A 162 -6.46 12.06 -22.47
C ARG A 162 -6.84 10.69 -21.94
N ASP A 163 -7.66 9.96 -22.68
CA ASP A 163 -8.14 8.61 -22.29
C ASP A 163 -6.93 7.70 -22.27
N TYR A 164 -6.04 7.86 -23.24
CA TYR A 164 -4.81 7.03 -23.40
C TYR A 164 -3.88 7.24 -22.20
N VAL A 165 -3.69 8.50 -21.81
CA VAL A 165 -2.72 8.87 -20.73
C VAL A 165 -3.27 8.34 -19.39
N ASP A 166 -4.59 8.30 -19.22
CA ASP A 166 -5.25 7.72 -18.03
C ASP A 166 -4.85 6.24 -17.88
N ARG A 167 -4.84 5.47 -18.99
CA ARG A 167 -4.56 4.01 -18.97
C ARG A 167 -3.06 3.81 -18.67
N PHE A 168 -2.23 4.62 -19.32
CA PHE A 168 -0.76 4.58 -19.23
C PHE A 168 -0.34 4.70 -17.76
N TYR A 169 -0.84 5.75 -17.10
CA TYR A 169 -0.42 6.14 -15.73
C TYR A 169 -1.12 5.27 -14.70
N LYS A 170 -2.34 4.81 -15.00
CA LYS A 170 -3.07 3.83 -14.15
C LYS A 170 -2.25 2.54 -14.14
N THR A 171 -1.83 2.11 -15.32
CA THR A 171 -0.91 0.96 -15.56
C THR A 171 0.44 1.18 -14.86
N LEU A 172 1.08 2.32 -15.10
CA LEU A 172 2.39 2.65 -14.47
C LEU A 172 2.25 2.46 -12.97
N ARG A 173 1.10 2.85 -12.41
CA ARG A 173 0.81 2.86 -10.95
C ARG A 173 0.66 1.42 -10.44
N ALA A 174 -0.12 0.59 -11.12
CA ALA A 174 -0.31 -0.85 -10.78
C ALA A 174 1.03 -1.58 -10.99
N GLU A 175 1.82 -1.16 -11.98
CA GLU A 175 3.12 -1.81 -12.33
C GLU A 175 4.20 -1.32 -11.33
N GLN A 176 3.85 -0.44 -10.39
CA GLN A 176 4.66 0.02 -9.22
C GLN A 176 5.96 0.68 -9.69
N ALA A 177 5.95 1.32 -10.87
CA ALA A 177 7.11 2.05 -11.42
C ALA A 177 7.45 3.20 -10.47
N SER A 178 8.74 3.44 -10.20
CA SER A 178 9.24 4.48 -9.27
C SER A 178 8.88 5.86 -9.83
N GLN A 179 8.75 6.87 -8.96
CA GLN A 179 8.33 8.24 -9.36
C GLN A 179 9.26 8.78 -10.45
N GLU A 180 10.54 8.37 -10.45
CA GLU A 180 11.55 8.90 -11.40
C GLU A 180 11.24 8.42 -12.83
N VAL A 181 10.81 7.15 -12.98
CA VAL A 181 10.30 6.60 -14.27
C VAL A 181 8.95 7.25 -14.62
N LYS A 182 8.19 7.77 -13.64
CA LYS A 182 6.89 8.46 -13.90
C LYS A 182 7.13 9.89 -14.43
N ASN A 183 8.04 10.63 -13.79
CA ASN A 183 8.52 11.96 -14.27
C ASN A 183 9.06 11.79 -15.70
N ALA A 184 9.80 10.70 -15.96
CA ALA A 184 10.62 10.44 -17.18
C ALA A 184 9.80 9.77 -18.29
N ALA A 185 8.83 8.91 -17.91
CA ALA A 185 7.95 8.12 -18.82
C ALA A 185 7.39 9.00 -19.93
N THR A 186 7.18 10.29 -19.65
CA THR A 186 6.58 11.29 -20.58
C THR A 186 7.47 11.36 -21.85
N GLU A 187 8.71 11.86 -21.75
CA GLU A 187 9.59 12.13 -22.92
C GLU A 187 9.89 10.85 -23.73
N THR A 188 9.44 9.66 -23.34
CA THR A 188 9.87 8.45 -24.08
C THR A 188 8.68 7.62 -24.55
N LEU A 189 8.25 6.68 -23.70
CA LEU A 189 7.25 5.64 -24.05
C LEU A 189 5.89 6.30 -24.32
N LEU A 190 5.51 7.33 -23.56
CA LEU A 190 4.19 7.98 -23.72
C LEU A 190 4.03 8.44 -25.18
N VAL A 191 5.10 9.06 -25.71
CA VAL A 191 5.18 9.57 -27.11
C VAL A 191 5.23 8.38 -28.06
N GLN A 192 6.22 7.50 -27.88
CA GLN A 192 6.40 6.30 -28.74
C GLN A 192 5.05 5.57 -28.84
N ASN A 193 4.36 5.39 -27.72
CA ASN A 193 3.14 4.55 -27.63
C ASN A 193 1.91 5.31 -28.17
N ALA A 194 2.01 6.62 -28.41
CA ALA A 194 0.91 7.46 -28.97
C ALA A 194 0.68 7.12 -30.44
N ASN A 195 -0.49 7.46 -30.99
CA ASN A 195 -0.78 7.17 -32.41
C ASN A 195 -0.07 8.20 -33.31
N PRO A 196 0.14 7.88 -34.61
CA PRO A 196 0.92 8.74 -35.53
C PRO A 196 0.53 10.23 -35.62
N ASP A 197 -0.76 10.53 -35.66
CA ASP A 197 -1.29 11.93 -35.74
C ASP A 197 -0.83 12.72 -34.51
N CYS A 198 -1.02 12.11 -33.34
CA CYS A 198 -0.59 12.69 -32.03
C CYS A 198 0.94 12.61 -31.95
N LYS A 199 1.51 11.44 -32.22
CA LYS A 199 2.98 11.24 -32.13
C LYS A 199 3.68 12.40 -32.85
N THR A 200 3.25 12.69 -34.08
CA THR A 200 3.78 13.75 -34.99
C THR A 200 3.72 15.13 -34.29
N ILE A 201 2.57 15.49 -33.72
CA ILE A 201 2.41 16.73 -32.90
C ILE A 201 3.45 16.76 -31.77
N LEU A 202 3.53 15.69 -30.97
CA LEU A 202 4.38 15.65 -29.75
C LEU A 202 5.85 15.80 -30.13
N LYS A 203 6.31 15.10 -31.17
CA LYS A 203 7.71 15.18 -31.68
C LYS A 203 8.04 16.64 -32.01
N ALA A 204 7.08 17.38 -32.58
CA ALA A 204 7.22 18.80 -32.98
C ALA A 204 7.56 19.66 -31.76
N LEU A 205 6.94 19.39 -30.61
CA LEU A 205 7.18 20.15 -29.35
C LEU A 205 8.66 20.07 -28.97
N GLY A 206 9.27 18.89 -29.15
CA GLY A 206 10.67 18.61 -28.76
C GLY A 206 10.77 18.31 -27.27
N PRO A 207 11.97 18.42 -26.67
CA PRO A 207 12.14 18.14 -25.24
C PRO A 207 11.75 19.38 -24.42
N GLY A 208 11.48 19.16 -23.12
CA GLY A 208 11.16 20.21 -22.13
C GLY A 208 9.68 20.57 -22.14
N ALA A 209 8.88 19.82 -22.91
CA ALA A 209 7.41 19.94 -22.97
C ALA A 209 6.81 19.27 -21.72
N THR A 210 5.83 19.90 -21.08
CA THR A 210 5.16 19.33 -19.89
C THR A 210 4.07 18.35 -20.36
N LEU A 211 3.44 17.66 -19.41
CA LEU A 211 2.32 16.74 -19.74
C LEU A 211 1.15 17.60 -20.20
N GLU A 212 0.94 18.72 -19.53
CA GLU A 212 -0.11 19.71 -19.87
C GLU A 212 0.12 20.21 -21.29
N GLU A 213 1.32 20.69 -21.59
CA GLU A 213 1.67 21.13 -22.97
C GLU A 213 1.45 19.95 -23.94
N MET A 214 2.03 18.77 -23.65
CA MET A 214 1.79 17.51 -24.40
C MET A 214 0.27 17.27 -24.59
N MET A 215 -0.51 17.35 -23.51
CA MET A 215 -1.92 16.91 -23.51
C MET A 215 -2.80 17.92 -24.24
N THR A 216 -2.42 19.19 -24.27
CA THR A 216 -3.13 20.26 -25.04
C THR A 216 -2.81 20.09 -26.54
N ALA A 217 -1.53 19.96 -26.85
CA ALA A 217 -0.99 19.78 -28.21
C ALA A 217 -1.83 18.75 -28.96
N CYS A 218 -2.26 17.68 -28.27
CA CYS A 218 -2.94 16.49 -28.87
C CYS A 218 -4.42 16.43 -28.49
N GLN A 219 -5.07 17.53 -28.06
CA GLN A 219 -6.47 17.41 -27.56
C GLN A 219 -7.46 17.46 -28.73
#